data_5OPE
#
_entry.id   5OPE
#
_cell.length_a   43.457
_cell.length_b   99.134
_cell.length_c   247.175
_cell.angle_alpha   90.00
_cell.angle_beta   90.00
_cell.angle_gamma   90.00
#
_symmetry.space_group_name_H-M   'C 2 2 21'
#
loop_
_entity.id
_entity.type
_entity.pdbx_description
1 polymer 'Roundabout homolog 1'
2 non-polymer 'PHOSPHATE ION'
3 water water
#
_entity_poly.entity_id   1
_entity_poly.type   'polypeptide(L)'
_entity_poly.pdbx_seq_one_letter_code
;QEDFPPRIVEHPSDLIVSKGEPATLNCKAEGRPTPTIEWYKGGERVETDKDDPRSHRMLLPSGSLFFLRIVHGRKSRPDE
GVYVCVARNYLGEAVSHNASLEVAILRDDFRQNPSDVMVAVGEPAVMECQPPRGHPEPTISWKKDGSPLDDKDERITIRG
GKLMITYTRKSDAGKYVCVGTNMVGERESEVAELTVLERPSFVKRPSNLAVTVDDSAEFKCEARGDPVPTVRWRKDDGEL
PKSRYEIRDDHTLKIRKVTAGDMGSYTCVAENMVGKAEASATLTVQEPPHFVVKPRDQVVALGRTVTFQCEATGNPQPAI
FWRREGSQNLLFSYQPPQSSSRFSVSQTGDLTITNVQRSDVGYYICQTLNVAGSIITKAYLEVTD
;
_entity_poly.pdbx_strand_id   A
#
loop_
_chem_comp.id
_chem_comp.type
_chem_comp.name
_chem_comp.formula
PO4 non-polymer 'PHOSPHATE ION' 'O4 P -3'
#
# COMPACT_ATOMS: atom_id res chain seq x y z
N GLU A 2 22.47 -6.53 -84.91
CA GLU A 2 22.09 -7.70 -84.12
C GLU A 2 21.16 -7.32 -82.97
N ASP A 3 20.09 -8.11 -82.77
CA ASP A 3 19.10 -7.90 -81.71
C ASP A 3 19.18 -8.98 -80.64
N PHE A 4 19.11 -8.57 -79.36
CA PHE A 4 19.16 -9.45 -78.20
C PHE A 4 17.77 -9.67 -77.58
N PRO A 5 17.42 -10.90 -77.13
CA PRO A 5 16.08 -11.11 -76.54
C PRO A 5 15.90 -10.43 -75.17
N PRO A 6 14.68 -9.92 -74.85
CA PRO A 6 14.50 -9.25 -73.55
C PRO A 6 14.41 -10.21 -72.36
N ARG A 7 15.00 -9.81 -71.23
CA ARG A 7 15.03 -10.58 -69.98
C ARG A 7 15.17 -9.65 -68.77
N ILE A 8 14.51 -10.00 -67.65
CA ILE A 8 14.53 -9.23 -66.41
C ILE A 8 15.88 -9.35 -65.70
N VAL A 9 16.56 -8.20 -65.49
CA VAL A 9 17.87 -8.14 -64.84
C VAL A 9 17.73 -7.91 -63.33
N GLU A 10 16.92 -6.91 -62.92
CA GLU A 10 16.67 -6.58 -61.52
C GLU A 10 15.24 -6.92 -61.13
N HIS A 11 15.09 -7.75 -60.07
CA HIS A 11 13.79 -8.19 -59.56
C HIS A 11 13.28 -7.27 -58.44
N PRO A 12 11.99 -6.85 -58.47
CA PRO A 12 11.47 -5.97 -57.41
C PRO A 12 11.15 -6.72 -56.12
N SER A 13 11.41 -6.07 -54.96
CA SER A 13 11.16 -6.63 -53.63
C SER A 13 9.88 -6.04 -53.02
N ASP A 14 9.26 -6.79 -52.09
CA ASP A 14 8.03 -6.39 -51.38
C ASP A 14 8.27 -5.23 -50.43
N LEU A 15 7.38 -4.22 -50.47
CA LEU A 15 7.45 -3.03 -49.62
C LEU A 15 6.08 -2.46 -49.30
N ILE A 16 5.95 -1.84 -48.11
CA ILE A 16 4.71 -1.23 -47.61
C ILE A 16 4.83 0.29 -47.54
N VAL A 17 3.78 1.01 -47.99
CA VAL A 17 3.74 2.47 -47.99
C VAL A 17 2.42 3.00 -47.41
N SER A 18 2.50 4.07 -46.60
CA SER A 18 1.35 4.72 -45.96
C SER A 18 0.50 5.50 -46.98
N LYS A 19 -0.77 5.78 -46.61
CA LYS A 19 -1.73 6.51 -47.46
C LYS A 19 -1.28 7.96 -47.69
N GLY A 20 -1.02 8.28 -48.95
CA GLY A 20 -0.56 9.59 -49.38
C GLY A 20 0.93 9.67 -49.62
N GLU A 21 1.70 8.81 -48.92
CA GLU A 21 3.17 8.73 -49.01
C GLU A 21 3.63 8.14 -50.35
N PRO A 22 4.72 8.67 -50.97
CA PRO A 22 5.17 8.11 -52.26
C PRO A 22 5.91 6.78 -52.15
N ALA A 23 5.80 5.95 -53.20
CA ALA A 23 6.43 4.63 -53.28
C ALA A 23 7.05 4.37 -54.66
N THR A 24 8.19 3.64 -54.68
CA THR A 24 8.91 3.30 -55.90
C THR A 24 9.29 1.82 -55.96
N LEU A 25 9.16 1.20 -57.15
CA LEU A 25 9.48 -0.20 -57.40
C LEU A 25 10.95 -0.39 -57.83
N ASN A 26 11.32 -1.60 -58.31
CA ASN A 26 12.66 -1.92 -58.78
C ASN A 26 12.64 -2.88 -59.99
N CYS A 27 12.24 -2.35 -61.15
CA CYS A 27 12.15 -3.09 -62.41
C CYS A 27 13.12 -2.54 -63.45
N LYS A 28 13.90 -3.44 -64.08
CA LYS A 28 14.88 -3.09 -65.11
C LYS A 28 15.03 -4.21 -66.15
N ALA A 29 15.01 -3.84 -67.45
CA ALA A 29 15.13 -4.76 -68.58
C ALA A 29 15.86 -4.12 -69.77
N GLU A 30 16.65 -4.92 -70.50
CA GLU A 30 17.42 -4.47 -71.67
C GLU A 30 17.13 -5.31 -72.92
N GLY A 31 17.19 -4.65 -74.08
CA GLY A 31 16.95 -5.27 -75.38
C GLY A 31 17.11 -4.33 -76.55
N ARG A 32 17.11 -4.88 -77.78
CA ARG A 32 17.26 -4.11 -79.02
C ARG A 32 16.05 -4.34 -79.97
N PRO A 33 15.12 -3.36 -80.13
CA PRO A 33 15.07 -2.01 -79.53
C PRO A 33 14.64 -2.02 -78.05
N THR A 34 14.66 -0.82 -77.41
CA THR A 34 14.29 -0.62 -76.00
C THR A 34 12.95 -1.27 -75.62
N PRO A 35 12.94 -2.20 -74.63
CA PRO A 35 11.67 -2.86 -74.27
C PRO A 35 10.78 -2.00 -73.38
N THR A 36 9.49 -1.90 -73.76
CA THR A 36 8.49 -1.13 -73.03
C THR A 36 7.93 -1.95 -71.86
N ILE A 37 8.14 -1.47 -70.62
CA ILE A 37 7.68 -2.13 -69.41
C ILE A 37 6.17 -1.94 -69.22
N GLU A 38 5.41 -3.04 -69.32
CA GLU A 38 3.96 -3.05 -69.18
C GLU A 38 3.55 -3.38 -67.75
N TRP A 39 2.75 -2.50 -67.12
CA TRP A 39 2.27 -2.67 -65.75
C TRP A 39 0.80 -3.07 -65.74
N TYR A 40 0.51 -4.24 -65.15
CA TYR A 40 -0.85 -4.79 -65.04
C TYR A 40 -1.07 -5.50 -63.71
N LYS A 41 -2.19 -5.21 -63.04
CA LYS A 41 -2.55 -5.79 -61.75
C LYS A 41 -3.31 -7.11 -61.91
N GLY A 42 -2.60 -8.14 -62.37
CA GLY A 42 -3.12 -9.48 -62.59
C GLY A 42 -4.10 -9.59 -63.75
N GLY A 43 -3.73 -9.02 -64.89
CA GLY A 43 -4.55 -9.02 -66.10
C GLY A 43 -5.15 -7.68 -66.45
N GLU A 44 -5.69 -6.96 -65.44
CA GLU A 44 -6.33 -5.66 -65.59
C GLU A 44 -5.33 -4.56 -65.94
N ARG A 45 -5.67 -3.71 -66.93
CA ARG A 45 -4.84 -2.60 -67.40
C ARG A 45 -4.82 -1.44 -66.41
N VAL A 46 -3.64 -0.78 -66.28
CA VAL A 46 -3.42 0.35 -65.39
C VAL A 46 -3.05 1.61 -66.16
N GLU A 47 -3.66 2.76 -65.82
CA GLU A 47 -3.43 4.05 -66.45
C GLU A 47 -2.08 4.65 -66.02
N THR A 48 -1.33 5.21 -67.00
CA THR A 48 -0.02 5.82 -66.78
C THR A 48 0.13 7.15 -67.54
N ASP A 49 1.19 7.93 -67.20
CA ASP A 49 1.50 9.22 -67.82
C ASP A 49 1.91 9.11 -69.29
N LYS A 50 2.53 7.97 -69.67
CA LYS A 50 2.98 7.68 -71.03
C LYS A 50 1.81 7.43 -71.99
N ASP A 51 0.74 6.77 -71.51
CA ASP A 51 -0.45 6.46 -72.29
C ASP A 51 -1.39 7.67 -72.44
N ASP A 52 -1.61 8.42 -71.34
CA ASP A 52 -2.48 9.60 -71.31
C ASP A 52 -1.84 10.77 -70.55
N PRO A 53 -1.96 12.03 -71.04
CA PRO A 53 -1.34 13.15 -70.31
C PRO A 53 -2.20 13.74 -69.19
N ARG A 54 -3.38 13.14 -68.93
CA ARG A 54 -4.31 13.57 -67.88
C ARG A 54 -4.31 12.67 -66.64
N SER A 55 -3.71 11.47 -66.76
CA SER A 55 -3.61 10.48 -65.67
C SER A 55 -2.72 10.95 -64.52
N HIS A 56 -3.13 10.62 -63.27
CA HIS A 56 -2.42 10.97 -62.04
C HIS A 56 -1.16 10.12 -61.82
N ARG A 57 -1.21 8.82 -62.17
CA ARG A 57 -0.11 7.88 -62.03
C ARG A 57 1.03 8.18 -63.02
N MET A 58 2.28 8.21 -62.51
CA MET A 58 3.48 8.48 -63.29
C MET A 58 4.25 7.23 -63.69
N LEU A 59 4.95 7.29 -64.83
CA LEU A 59 5.77 6.19 -65.34
C LEU A 59 7.18 6.68 -65.69
N LEU A 60 8.17 6.24 -64.90
CA LEU A 60 9.58 6.62 -65.08
C LEU A 60 10.23 5.92 -66.28
N PRO A 61 11.10 6.60 -67.07
CA PRO A 61 11.71 5.93 -68.23
C PRO A 61 12.79 4.91 -67.87
N SER A 62 13.23 4.89 -66.60
CA SER A 62 14.25 3.95 -66.08
C SER A 62 13.75 2.51 -66.05
N GLY A 63 12.46 2.32 -65.84
CA GLY A 63 11.81 1.01 -65.78
C GLY A 63 10.87 0.83 -64.61
N SER A 64 11.30 1.27 -63.41
CA SER A 64 10.53 1.18 -62.17
C SER A 64 9.35 2.14 -62.14
N LEU A 65 8.20 1.68 -61.61
CA LEU A 65 6.97 2.47 -61.49
C LEU A 65 7.03 3.39 -60.27
N PHE A 66 6.62 4.65 -60.44
CA PHE A 66 6.62 5.66 -59.38
C PHE A 66 5.21 6.20 -59.10
N PHE A 67 4.81 6.17 -57.82
CA PHE A 67 3.50 6.64 -57.36
C PHE A 67 3.66 7.86 -56.44
N LEU A 68 2.77 8.86 -56.60
CA LEU A 68 2.79 10.08 -55.80
C LEU A 68 1.82 10.01 -54.62
N ARG A 69 0.54 9.66 -54.89
CA ARG A 69 -0.50 9.53 -53.87
C ARG A 69 -1.29 8.24 -54.05
N ILE A 70 -1.36 7.43 -52.96
CA ILE A 70 -2.08 6.15 -52.97
C ILE A 70 -3.58 6.36 -52.90
N VAL A 71 -4.31 5.84 -53.91
CA VAL A 71 -5.77 5.95 -54.00
C VAL A 71 -6.44 4.88 -53.13
N HIS A 72 -7.02 5.32 -51.99
CA HIS A 72 -7.70 4.46 -51.03
C HIS A 72 -8.79 5.21 -50.28
N GLY A 73 -9.95 4.58 -50.12
CA GLY A 73 -11.10 5.14 -49.42
C GLY A 73 -12.26 4.17 -49.27
N ARG A 74 -13.46 4.73 -49.06
CA ARG A 74 -14.70 3.97 -48.88
C ARG A 74 -15.37 3.64 -50.21
N LYS A 75 -15.28 4.54 -51.20
CA LYS A 75 -15.89 4.38 -52.52
C LYS A 75 -14.94 3.79 -53.56
N SER A 76 -13.68 4.30 -53.64
CA SER A 76 -12.69 3.83 -54.61
C SER A 76 -11.32 3.57 -53.99
N ARG A 77 -10.71 2.42 -54.33
CA ARG A 77 -9.38 2.01 -53.87
C ARG A 77 -8.70 1.07 -54.91
N PRO A 78 -8.29 1.58 -56.11
CA PRO A 78 -7.67 0.68 -57.11
C PRO A 78 -6.14 0.57 -57.04
N ASP A 79 -5.48 1.43 -56.24
CA ASP A 79 -4.01 1.46 -56.08
C ASP A 79 -3.44 0.23 -55.36
N GLU A 80 -4.15 -0.29 -54.36
CA GLU A 80 -3.74 -1.45 -53.57
C GLU A 80 -3.80 -2.75 -54.39
N GLY A 81 -2.73 -3.54 -54.30
CA GLY A 81 -2.60 -4.81 -55.01
C GLY A 81 -1.22 -5.06 -55.59
N VAL A 82 -0.84 -6.35 -55.71
CA VAL A 82 0.46 -6.78 -56.25
C VAL A 82 0.52 -6.59 -57.77
N TYR A 83 1.69 -6.12 -58.26
CA TYR A 83 1.92 -5.88 -59.69
C TYR A 83 3.25 -6.46 -60.16
N VAL A 84 3.27 -6.95 -61.42
CA VAL A 84 4.46 -7.54 -62.05
C VAL A 84 4.71 -6.90 -63.41
N CYS A 85 5.95 -6.44 -63.64
CA CYS A 85 6.37 -5.79 -64.89
C CYS A 85 6.78 -6.81 -65.97
N VAL A 86 6.36 -6.56 -67.21
CA VAL A 86 6.66 -7.42 -68.36
C VAL A 86 7.32 -6.62 -69.50
N ALA A 87 8.44 -7.16 -70.03
CA ALA A 87 9.20 -6.54 -71.12
C ALA A 87 8.86 -7.15 -72.47
N ARG A 88 8.74 -6.28 -73.50
CA ARG A 88 8.43 -6.69 -74.88
C ARG A 88 9.23 -5.88 -75.89
N ASN A 89 9.96 -6.58 -76.77
CA ASN A 89 10.79 -5.99 -77.82
C ASN A 89 10.32 -6.45 -79.22
N TYR A 90 11.25 -6.51 -80.21
CA TYR A 90 10.95 -6.95 -81.58
C TYR A 90 10.60 -8.43 -81.65
N LEU A 91 11.34 -9.27 -80.88
CA LEU A 91 11.14 -10.72 -80.81
C LEU A 91 11.54 -11.24 -79.42
N GLY A 92 10.60 -11.94 -78.78
CA GLY A 92 10.80 -12.52 -77.45
C GLY A 92 10.01 -11.82 -76.36
N GLU A 93 9.59 -12.58 -75.33
CA GLU A 93 8.82 -12.09 -74.19
C GLU A 93 9.54 -12.35 -72.87
N ALA A 94 9.39 -11.42 -71.91
CA ALA A 94 10.01 -11.50 -70.58
C ALA A 94 9.01 -11.28 -69.45
N VAL A 95 9.18 -12.01 -68.34
CA VAL A 95 8.32 -11.93 -67.15
C VAL A 95 9.16 -11.84 -65.88
N SER A 96 8.89 -10.83 -65.04
CA SER A 96 9.59 -10.59 -63.77
C SER A 96 8.83 -11.16 -62.57
N HIS A 97 9.55 -11.37 -61.44
CA HIS A 97 9.00 -11.90 -60.19
C HIS A 97 8.01 -10.94 -59.54
N ASN A 98 6.91 -11.48 -58.99
CA ASN A 98 5.85 -10.70 -58.32
C ASN A 98 6.30 -10.12 -56.99
N ALA A 99 5.98 -8.83 -56.76
CA ALA A 99 6.31 -8.11 -55.54
C ALA A 99 5.05 -7.51 -54.89
N SER A 100 4.92 -7.65 -53.57
CA SER A 100 3.78 -7.15 -52.80
C SER A 100 3.83 -5.64 -52.63
N LEU A 101 2.74 -4.96 -53.01
CA LEU A 101 2.60 -3.50 -52.91
C LEU A 101 1.32 -3.15 -52.12
N GLU A 102 1.27 -3.58 -50.85
CA GLU A 102 0.14 -3.36 -49.95
C GLU A 102 0.24 -2.02 -49.22
N VAL A 103 -0.91 -1.32 -49.10
CA VAL A 103 -1.01 -0.03 -48.42
C VAL A 103 -0.98 -0.21 -46.91
N ALA A 104 -0.17 0.61 -46.21
CA ALA A 104 -0.01 0.57 -44.77
C ALA A 104 -1.07 1.39 -44.04
N ILE A 105 -1.62 0.84 -42.94
CA ILE A 105 -2.66 1.48 -42.13
C ILE A 105 -2.44 1.27 -40.61
N LEU A 106 -3.13 2.10 -39.80
CA LEU A 106 -3.10 2.11 -38.33
C LEU A 106 -4.42 2.73 -37.85
N ARG A 107 -5.27 1.95 -37.15
CA ARG A 107 -6.58 2.40 -36.66
C ARG A 107 -6.50 3.36 -35.46
N ASP A 108 -7.64 4.01 -35.16
CA ASP A 108 -7.78 5.01 -34.10
C ASP A 108 -7.89 4.39 -32.69
N ASP A 109 -8.87 3.49 -32.46
CA ASP A 109 -9.10 2.90 -31.15
C ASP A 109 -8.39 1.58 -30.93
N PHE A 110 -7.78 1.45 -29.73
CA PHE A 110 -7.04 0.30 -29.22
C PHE A 110 -7.95 -0.89 -29.01
N ARG A 111 -7.46 -2.11 -29.39
CA ARG A 111 -8.17 -3.38 -29.20
C ARG A 111 -8.31 -3.71 -27.71
N GLN A 112 -7.35 -3.24 -26.88
CA GLN A 112 -7.39 -3.37 -25.42
C GLN A 112 -6.70 -2.19 -24.72
N ASN A 113 -7.49 -1.36 -24.03
CA ASN A 113 -6.97 -0.21 -23.29
C ASN A 113 -6.53 -0.61 -21.89
N PRO A 114 -5.35 -0.12 -21.40
CA PRO A 114 -4.92 -0.47 -20.03
C PRO A 114 -5.89 0.06 -18.97
N SER A 115 -6.14 -0.75 -17.95
CA SER A 115 -7.10 -0.44 -16.89
C SER A 115 -6.44 0.06 -15.62
N ASP A 116 -7.16 0.95 -14.90
CA ASP A 116 -6.75 1.53 -13.62
C ASP A 116 -6.52 0.43 -12.57
N VAL A 117 -5.45 0.55 -11.77
CA VAL A 117 -5.12 -0.40 -10.70
C VAL A 117 -4.86 0.35 -9.39
N MET A 118 -5.48 -0.16 -8.30
CA MET A 118 -5.45 0.34 -6.94
C MET A 118 -4.86 -0.76 -6.03
N VAL A 119 -3.60 -0.61 -5.57
CA VAL A 119 -2.93 -1.60 -4.70
C VAL A 119 -2.16 -0.96 -3.52
N ALA A 120 -1.99 -1.70 -2.43
CA ALA A 120 -1.24 -1.23 -1.26
C ALA A 120 0.28 -1.40 -1.52
N VAL A 121 1.14 -0.55 -0.87
CA VAL A 121 2.61 -0.58 -1.00
C VAL A 121 3.14 -2.02 -0.86
N GLY A 122 3.95 -2.45 -1.82
CA GLY A 122 4.55 -3.79 -1.84
C GLY A 122 3.76 -4.86 -2.53
N GLU A 123 2.50 -4.57 -2.90
CA GLU A 123 1.68 -5.55 -3.62
C GLU A 123 1.96 -5.41 -5.13
N PRO A 124 2.07 -6.52 -5.90
CA PRO A 124 2.34 -6.38 -7.33
C PRO A 124 1.27 -5.59 -8.11
N ALA A 125 1.67 -5.03 -9.29
CA ALA A 125 0.80 -4.28 -10.18
C ALA A 125 0.95 -4.74 -11.64
N VAL A 126 -0.17 -5.13 -12.29
CA VAL A 126 -0.17 -5.56 -13.69
C VAL A 126 -1.11 -4.71 -14.55
N MET A 127 -0.59 -4.24 -15.70
CA MET A 127 -1.37 -3.49 -16.69
C MET A 127 -1.28 -4.23 -18.04
N GLU A 128 -2.43 -4.40 -18.71
CA GLU A 128 -2.54 -5.11 -20.01
C GLU A 128 -3.00 -4.19 -21.10
N CYS A 129 -2.46 -4.37 -22.31
CA CYS A 129 -2.81 -3.58 -23.50
C CYS A 129 -2.65 -4.33 -24.82
N GLN A 130 -3.44 -3.96 -25.82
CA GLN A 130 -3.31 -4.43 -27.20
C GLN A 130 -3.51 -3.22 -28.13
N PRO A 131 -2.47 -2.88 -28.94
CA PRO A 131 -2.57 -1.70 -29.83
C PRO A 131 -3.71 -1.76 -30.88
N PRO A 132 -4.05 -0.65 -31.59
CA PRO A 132 -5.13 -0.75 -32.59
C PRO A 132 -4.73 -1.61 -33.79
N ARG A 133 -5.72 -2.10 -34.56
CA ARG A 133 -5.44 -2.88 -35.76
C ARG A 133 -4.56 -2.05 -36.71
N GLY A 134 -3.49 -2.66 -37.18
CA GLY A 134 -2.53 -1.99 -38.05
C GLY A 134 -1.62 -2.94 -38.79
N HIS A 135 -1.28 -2.57 -40.03
CA HIS A 135 -0.38 -3.34 -40.89
C HIS A 135 0.75 -2.42 -41.39
N PRO A 136 2.03 -2.70 -41.05
CA PRO A 136 2.54 -3.82 -40.22
C PRO A 136 2.16 -3.69 -38.74
N GLU A 137 1.87 -4.86 -38.08
CA GLU A 137 1.41 -5.00 -36.68
C GLU A 137 2.18 -4.12 -35.68
N PRO A 138 1.44 -3.25 -34.95
CA PRO A 138 2.11 -2.33 -34.01
C PRO A 138 2.87 -3.02 -32.87
N THR A 139 3.99 -2.38 -32.48
CA THR A 139 4.87 -2.82 -31.40
C THR A 139 4.59 -1.98 -30.16
N ILE A 140 4.43 -2.64 -29.01
CA ILE A 140 4.12 -2.01 -27.72
C ILE A 140 5.34 -1.34 -27.05
N SER A 141 5.06 -0.28 -26.27
CA SER A 141 5.96 0.53 -25.43
C SER A 141 5.09 1.26 -24.41
N TRP A 142 5.65 1.64 -23.25
CA TRP A 142 4.87 2.32 -22.24
C TRP A 142 5.45 3.67 -21.85
N LYS A 143 4.58 4.56 -21.35
CA LYS A 143 4.92 5.90 -20.89
C LYS A 143 4.29 6.15 -19.50
N LYS A 144 5.09 6.64 -18.53
CA LYS A 144 4.64 6.99 -17.17
C LYS A 144 4.78 8.51 -17.02
N ASP A 145 3.64 9.23 -16.87
CA ASP A 145 3.57 10.70 -16.78
C ASP A 145 4.24 11.36 -18.00
N GLY A 146 3.93 10.83 -19.18
CA GLY A 146 4.46 11.29 -20.47
C GLY A 146 5.88 10.87 -20.79
N SER A 147 6.60 10.26 -19.83
CA SER A 147 8.00 9.84 -20.00
C SER A 147 8.12 8.34 -20.32
N PRO A 148 9.00 7.93 -21.28
CA PRO A 148 9.12 6.51 -21.63
C PRO A 148 9.61 5.62 -20.49
N LEU A 149 9.10 4.37 -20.44
CA LEU A 149 9.43 3.39 -19.41
C LEU A 149 10.33 2.29 -19.97
N ASP A 150 11.33 1.82 -19.15
CA ASP A 150 12.29 0.80 -19.56
CA ASP A 150 12.29 0.80 -19.56
C ASP A 150 12.36 -0.40 -18.60
N ASP A 151 12.82 -1.55 -19.13
CA ASP A 151 13.00 -2.83 -18.44
C ASP A 151 14.16 -2.82 -17.41
N LYS A 152 15.06 -1.80 -17.48
CA LYS A 152 16.25 -1.58 -16.64
C LYS A 152 16.05 -1.96 -15.17
N ASP A 153 14.94 -1.52 -14.55
CA ASP A 153 14.59 -1.84 -13.15
C ASP A 153 14.12 -3.29 -13.06
N GLU A 154 14.82 -4.11 -12.25
CA GLU A 154 14.56 -5.55 -12.00
C GLU A 154 13.11 -5.87 -11.64
N ARG A 155 12.39 -4.90 -11.05
CA ARG A 155 10.98 -5.06 -10.64
C ARG A 155 10.05 -4.92 -11.84
N ILE A 156 10.47 -4.19 -12.88
CA ILE A 156 9.60 -3.97 -14.03
C ILE A 156 10.05 -4.78 -15.24
N THR A 157 9.07 -5.51 -15.79
CA THR A 157 9.18 -6.39 -16.94
C THR A 157 8.05 -6.04 -17.92
N ILE A 158 8.44 -5.74 -19.17
CA ILE A 158 7.54 -5.41 -20.27
C ILE A 158 7.65 -6.54 -21.31
N ARG A 159 6.85 -7.61 -21.11
CA ARG A 159 6.84 -8.75 -22.00
C ARG A 159 5.43 -9.00 -22.54
N GLY A 160 5.30 -9.01 -23.87
CA GLY A 160 4.04 -9.19 -24.56
C GLY A 160 3.21 -7.92 -24.50
N GLY A 161 1.93 -8.08 -24.17
CA GLY A 161 1.01 -6.96 -24.00
C GLY A 161 0.92 -6.49 -22.56
N LYS A 162 1.81 -7.03 -21.69
CA LYS A 162 1.82 -6.76 -20.25
C LYS A 162 2.91 -5.86 -19.72
N LEU A 163 2.57 -5.11 -18.67
CA LEU A 163 3.49 -4.30 -17.88
C LEU A 163 3.36 -4.86 -16.47
N MET A 164 4.47 -5.41 -15.94
CA MET A 164 4.52 -6.05 -14.62
C MET A 164 5.43 -5.32 -13.64
N ILE A 165 5.02 -5.28 -12.35
CA ILE A 165 5.78 -4.71 -11.23
C ILE A 165 5.66 -5.74 -10.09
N THR A 166 6.75 -6.48 -9.80
CA THR A 166 6.82 -7.53 -8.76
C THR A 166 6.30 -7.07 -7.39
N TYR A 167 6.70 -5.87 -6.97
CA TYR A 167 6.27 -5.21 -5.75
C TYR A 167 6.31 -3.70 -5.98
N THR A 168 5.26 -3.01 -5.52
CA THR A 168 5.13 -1.56 -5.67
C THR A 168 5.81 -0.73 -4.59
N ARG A 169 6.34 0.44 -5.02
CA ARG A 169 6.90 1.54 -4.22
C ARG A 169 5.91 2.71 -4.42
N LYS A 170 5.81 3.67 -3.46
CA LYS A 170 4.96 4.86 -3.60
C LYS A 170 5.31 5.64 -4.90
N SER A 171 6.61 5.59 -5.29
CA SER A 171 7.17 6.16 -6.51
C SER A 171 6.60 5.50 -7.79
N ASP A 172 5.84 4.39 -7.67
CA ASP A 172 5.24 3.75 -8.85
C ASP A 172 3.95 4.42 -9.28
N ALA A 173 3.29 5.17 -8.37
CA ALA A 173 2.04 5.88 -8.64
C ALA A 173 2.21 6.90 -9.76
N GLY A 174 1.21 6.96 -10.62
CA GLY A 174 1.22 7.85 -11.77
C GLY A 174 0.24 7.44 -12.84
N LYS A 175 0.27 8.17 -13.96
CA LYS A 175 -0.62 7.96 -15.09
C LYS A 175 0.18 7.27 -16.20
N TYR A 176 -0.22 6.01 -16.49
CA TYR A 176 0.39 5.07 -17.44
C TYR A 176 -0.39 5.00 -18.76
N VAL A 177 0.33 5.02 -19.88
CA VAL A 177 -0.23 4.96 -21.22
C VAL A 177 0.55 3.95 -22.05
N CYS A 178 -0.18 3.05 -22.73
CA CYS A 178 0.36 2.07 -23.64
C CYS A 178 0.46 2.75 -25.01
N VAL A 179 1.54 2.47 -25.77
CA VAL A 179 1.76 3.10 -27.07
C VAL A 179 1.99 2.09 -28.21
N GLY A 180 1.22 2.23 -29.28
CA GLY A 180 1.30 1.40 -30.48
C GLY A 180 1.99 2.15 -31.61
N THR A 181 3.15 1.64 -32.06
CA THR A 181 3.95 2.30 -33.11
C THR A 181 4.30 1.40 -34.30
N ASN A 182 4.27 1.99 -35.51
CA ASN A 182 4.68 1.40 -36.77
C ASN A 182 5.19 2.50 -37.72
N MET A 183 5.44 2.14 -38.99
CA MET A 183 5.89 3.05 -40.03
C MET A 183 4.91 4.20 -40.28
N VAL A 184 3.61 3.95 -40.02
CA VAL A 184 2.52 4.92 -40.18
C VAL A 184 2.65 5.99 -39.09
N GLY A 185 2.80 5.57 -37.82
CA GLY A 185 2.94 6.48 -36.71
C GLY A 185 2.76 5.90 -35.33
N GLU A 186 2.48 6.79 -34.36
CA GLU A 186 2.30 6.54 -32.93
C GLU A 186 0.82 6.64 -32.52
N ARG A 187 0.37 5.74 -31.62
CA ARG A 187 -0.99 5.72 -31.07
C ARG A 187 -0.91 5.54 -29.55
N GLU A 188 -1.35 6.56 -28.80
CA GLU A 188 -1.36 6.50 -27.34
C GLU A 188 -2.72 6.02 -26.86
N SER A 189 -2.72 5.13 -25.87
CA SER A 189 -3.95 4.57 -25.32
C SER A 189 -4.63 5.52 -24.32
N GLU A 190 -5.77 5.07 -23.78
CA GLU A 190 -6.52 5.78 -22.75
C GLU A 190 -5.70 5.66 -21.46
N VAL A 191 -5.65 6.76 -20.68
CA VAL A 191 -4.90 6.85 -19.42
C VAL A 191 -5.34 5.81 -18.39
N ALA A 192 -4.35 5.07 -17.86
CA ALA A 192 -4.53 4.07 -16.82
C ALA A 192 -3.73 4.55 -15.61
N GLU A 193 -4.43 4.99 -14.54
CA GLU A 193 -3.76 5.51 -13.36
C GLU A 193 -3.47 4.43 -12.33
N LEU A 194 -2.24 4.43 -11.80
CA LEU A 194 -1.81 3.51 -10.74
C LEU A 194 -1.72 4.29 -9.45
N THR A 195 -2.47 3.85 -8.44
CA THR A 195 -2.46 4.49 -7.13
C THR A 195 -1.92 3.49 -6.12
N VAL A 196 -0.84 3.90 -5.45
CA VAL A 196 -0.17 3.10 -4.42
C VAL A 196 -0.61 3.67 -3.07
N LEU A 197 -1.43 2.90 -2.36
CA LEU A 197 -2.05 3.24 -1.09
C LEU A 197 -1.24 2.71 0.08
N GLU A 198 -1.49 3.22 1.28
CA GLU A 198 -0.83 2.80 2.51
C GLU A 198 -1.87 2.51 3.59
N ARG A 199 -1.75 1.36 4.28
CA ARG A 199 -2.64 0.96 5.38
C ARG A 199 -2.42 1.89 6.59
N PRO A 200 -3.40 2.08 7.51
CA PRO A 200 -3.15 2.92 8.67
C PRO A 200 -2.29 2.20 9.72
N SER A 201 -1.41 2.97 10.37
CA SER A 201 -0.55 2.54 11.47
C SER A 201 -0.43 3.72 12.44
N PHE A 202 0.07 3.47 13.63
CA PHE A 202 0.12 4.48 14.67
C PHE A 202 1.44 5.24 14.79
N VAL A 203 1.32 6.57 14.84
CA VAL A 203 2.41 7.51 15.01
C VAL A 203 2.61 7.66 16.53
N LYS A 204 1.49 7.64 17.27
CA LYS A 204 1.49 7.64 18.73
C LYS A 204 0.42 6.63 19.17
N ARG A 205 0.76 5.83 20.17
CA ARG A 205 -0.12 4.80 20.70
C ARG A 205 -0.63 5.20 22.09
N PRO A 206 -1.94 5.00 22.40
CA PRO A 206 -2.42 5.37 23.75
C PRO A 206 -1.70 4.57 24.83
N SER A 207 -1.33 5.22 25.92
CA SER A 207 -0.59 4.59 27.01
C SER A 207 -1.46 4.36 28.23
N ASN A 208 -1.09 3.35 29.03
CA ASN A 208 -1.77 3.00 30.27
C ASN A 208 -1.70 4.14 31.31
N LEU A 209 -2.85 4.40 31.97
CA LEU A 209 -3.04 5.50 32.91
C LEU A 209 -3.86 5.05 34.12
N ALA A 210 -3.46 5.55 35.32
CA ALA A 210 -4.14 5.34 36.60
C ALA A 210 -4.44 6.70 37.23
N VAL A 211 -5.71 6.95 37.58
CA VAL A 211 -6.13 8.22 38.17
C VAL A 211 -7.05 7.96 39.35
N THR A 212 -7.21 8.93 40.27
CA THR A 212 -8.10 8.85 41.43
C THR A 212 -9.47 9.39 41.01
N VAL A 213 -10.55 9.02 41.73
CA VAL A 213 -11.94 9.42 41.47
C VAL A 213 -12.11 10.95 41.38
N ASP A 214 -12.89 11.44 40.38
CA ASP A 214 -13.21 12.86 40.08
C ASP A 214 -12.03 13.65 39.43
N ASP A 215 -10.97 12.92 38.98
CA ASP A 215 -9.81 13.45 38.26
C ASP A 215 -10.18 13.41 36.76
N SER A 216 -9.21 13.75 35.90
CA SER A 216 -9.38 13.66 34.46
C SER A 216 -8.41 12.63 33.84
N ALA A 217 -8.89 11.92 32.82
CA ALA A 217 -8.12 10.89 32.14
C ALA A 217 -7.95 11.20 30.63
N GLU A 218 -6.67 11.28 30.20
CA GLU A 218 -6.26 11.55 28.82
C GLU A 218 -5.48 10.36 28.25
N PHE A 219 -5.94 9.89 27.06
CA PHE A 219 -5.37 8.80 26.26
C PHE A 219 -5.12 9.43 24.90
N LYS A 220 -3.85 9.44 24.46
CA LYS A 220 -3.42 10.07 23.21
CA LYS A 220 -3.47 10.08 23.21
C LYS A 220 -3.36 9.09 22.05
N CYS A 221 -3.78 9.50 20.85
CA CYS A 221 -3.78 8.67 19.63
C CYS A 221 -3.45 9.50 18.42
N GLU A 222 -2.62 8.96 17.53
CA GLU A 222 -2.24 9.61 16.28
C GLU A 222 -1.87 8.53 15.29
N ALA A 223 -2.42 8.62 14.10
CA ALA A 223 -2.20 7.64 13.04
C ALA A 223 -1.73 8.27 11.73
N ARG A 224 -1.21 7.43 10.81
CA ARG A 224 -0.78 7.78 9.45
C ARG A 224 -1.49 6.88 8.43
N GLY A 225 -1.30 7.16 7.13
CA GLY A 225 -1.88 6.36 6.06
C GLY A 225 -2.22 7.13 4.81
N ASP A 226 -2.50 6.38 3.72
CA ASP A 226 -2.91 6.89 2.42
C ASP A 226 -4.04 6.02 1.85
N PRO A 227 -5.30 6.53 1.85
CA PRO A 227 -5.77 7.87 2.26
C PRO A 227 -5.67 8.14 3.76
N VAL A 228 -5.59 9.45 4.14
CA VAL A 228 -5.53 9.89 5.53
C VAL A 228 -6.65 9.16 6.34
N PRO A 229 -6.30 8.38 7.40
CA PRO A 229 -7.35 7.60 8.10
C PRO A 229 -8.30 8.41 8.98
N THR A 230 -9.41 7.76 9.39
CA THR A 230 -10.42 8.31 10.27
C THR A 230 -10.14 7.64 11.58
N VAL A 231 -9.73 8.47 12.56
CA VAL A 231 -9.36 8.04 13.91
C VAL A 231 -10.59 8.10 14.80
N ARG A 232 -10.97 6.99 15.46
CA ARG A 232 -12.16 6.98 16.30
C ARG A 232 -11.93 6.22 17.59
N TRP A 233 -12.46 6.76 18.69
CA TRP A 233 -12.38 6.12 19.99
C TRP A 233 -13.58 5.26 20.28
N ARG A 234 -13.37 4.27 21.13
CA ARG A 234 -14.33 3.28 21.57
C ARG A 234 -13.90 2.82 23.00
N LYS A 235 -14.88 2.47 23.86
CA LYS A 235 -14.64 1.83 25.15
C LYS A 235 -15.07 0.36 24.91
N ASP A 236 -14.21 -0.61 25.21
CA ASP A 236 -14.46 -2.04 24.97
C ASP A 236 -15.64 -2.62 25.77
N ASP A 237 -15.63 -2.50 27.11
CA ASP A 237 -16.77 -2.99 27.88
C ASP A 237 -17.79 -1.87 27.92
N GLY A 238 -18.69 -1.86 26.95
CA GLY A 238 -19.76 -0.88 26.86
C GLY A 238 -19.54 0.36 26.00
N GLU A 239 -19.93 1.52 26.55
CA GLU A 239 -19.93 2.83 25.90
C GLU A 239 -19.06 3.83 26.57
N LEU A 240 -18.71 4.89 25.83
CA LEU A 240 -18.01 6.05 26.36
C LEU A 240 -19.02 6.82 27.28
N PRO A 241 -18.57 7.48 28.40
CA PRO A 241 -19.53 8.11 29.35
C PRO A 241 -20.34 9.34 28.90
N LYS A 242 -21.67 9.20 28.86
CA LYS A 242 -22.57 10.30 28.48
C LYS A 242 -22.25 11.59 29.24
N SER A 243 -22.22 12.74 28.49
CA SER A 243 -21.95 14.09 28.94
C SER A 243 -20.53 14.32 29.53
N ARG A 244 -19.67 13.25 29.66
CA ARG A 244 -18.34 13.35 30.31
C ARG A 244 -17.11 13.05 29.45
N TYR A 245 -17.21 13.07 28.11
CA TYR A 245 -16.03 12.81 27.30
C TYR A 245 -15.86 13.82 26.20
N GLU A 246 -14.64 13.87 25.64
CA GLU A 246 -14.34 14.70 24.48
C GLU A 246 -13.13 14.18 23.70
N ILE A 247 -13.22 14.24 22.39
CA ILE A 247 -12.13 13.90 21.47
C ILE A 247 -11.67 15.24 20.88
N ARG A 248 -10.42 15.61 21.16
CA ARG A 248 -9.77 16.82 20.66
C ARG A 248 -9.36 16.62 19.18
N ASP A 249 -8.97 17.72 18.51
CA ASP A 249 -8.56 17.74 17.10
C ASP A 249 -7.38 16.82 16.85
N ASP A 250 -6.44 16.71 17.83
CA ASP A 250 -5.25 15.87 17.76
C ASP A 250 -5.57 14.35 17.98
N HIS A 251 -6.82 14.07 18.42
CA HIS A 251 -7.44 12.76 18.66
C HIS A 251 -7.20 12.24 20.07
N THR A 252 -6.99 13.14 21.05
CA THR A 252 -6.83 12.78 22.45
C THR A 252 -8.22 12.49 23.01
N LEU A 253 -8.37 11.45 23.87
CA LEU A 253 -9.62 11.14 24.56
C LEU A 253 -9.53 11.70 26.00
N LYS A 254 -10.49 12.56 26.39
CA LYS A 254 -10.53 13.19 27.73
C LYS A 254 -11.85 12.89 28.44
N ILE A 255 -11.76 12.21 29.61
CA ILE A 255 -12.87 11.79 30.44
C ILE A 255 -12.74 12.61 31.67
N ARG A 256 -13.75 13.42 31.94
CA ARG A 256 -13.72 14.27 33.13
C ARG A 256 -14.51 13.63 34.27
N LYS A 257 -14.09 13.94 35.52
CA LYS A 257 -14.73 13.47 36.76
C LYS A 257 -14.91 11.96 36.78
N VAL A 258 -13.79 11.25 36.52
CA VAL A 258 -13.66 9.80 36.40
C VAL A 258 -14.25 9.07 37.62
N THR A 259 -15.15 8.14 37.35
CA THR A 259 -15.84 7.31 38.34
C THR A 259 -15.36 5.87 38.21
N ALA A 260 -15.73 4.99 39.15
CA ALA A 260 -15.35 3.58 39.13
C ALA A 260 -15.83 2.85 37.88
N GLY A 261 -17.00 3.22 37.36
CA GLY A 261 -17.57 2.63 36.15
C GLY A 261 -16.83 2.97 34.87
N ASP A 262 -15.76 3.80 34.96
CA ASP A 262 -14.91 4.22 33.84
C ASP A 262 -13.66 3.36 33.74
N MET A 263 -13.45 2.50 34.74
CA MET A 263 -12.30 1.59 34.75
C MET A 263 -12.49 0.57 33.62
N GLY A 264 -11.43 0.31 32.87
CA GLY A 264 -11.48 -0.62 31.76
C GLY A 264 -10.56 -0.32 30.59
N SER A 265 -10.81 -0.97 29.46
CA SER A 265 -10.02 -0.85 28.25
C SER A 265 -10.76 0.01 27.21
N TYR A 266 -10.04 1.00 26.66
CA TYR A 266 -10.47 1.98 25.67
C TYR A 266 -9.59 1.80 24.43
N THR A 267 -10.21 1.60 23.27
CA THR A 267 -9.52 1.38 21.99
C THR A 267 -9.65 2.54 21.03
N CYS A 268 -8.55 2.88 20.37
CA CYS A 268 -8.44 3.89 19.33
C CYS A 268 -8.31 3.14 17.97
N VAL A 269 -9.17 3.49 17.02
CA VAL A 269 -9.29 2.81 15.72
C VAL A 269 -8.99 3.74 14.55
N ALA A 270 -7.89 3.47 13.82
CA ALA A 270 -7.51 4.22 12.62
C ALA A 270 -7.93 3.39 11.36
N GLU A 271 -8.79 3.97 10.50
CA GLU A 271 -9.32 3.27 9.32
C GLU A 271 -9.28 4.09 8.02
N ASN A 272 -9.00 3.41 6.90
CA ASN A 272 -9.00 3.95 5.55
C ASN A 272 -9.55 2.89 4.59
N MET A 273 -9.53 3.14 3.27
CA MET A 273 -10.10 2.18 2.33
C MET A 273 -9.27 0.89 2.22
N VAL A 274 -7.95 1.02 2.30
CA VAL A 274 -7.06 -0.14 2.24
C VAL A 274 -7.07 -0.98 3.56
N GLY A 275 -7.27 -0.39 4.73
CA GLY A 275 -7.33 -1.16 5.97
C GLY A 275 -7.69 -0.44 7.24
N LYS A 276 -7.67 -1.18 8.37
CA LYS A 276 -8.00 -0.76 9.73
C LYS A 276 -6.91 -1.21 10.71
N ALA A 277 -6.60 -0.37 11.71
CA ALA A 277 -5.59 -0.61 12.74
C ALA A 277 -6.08 -0.08 14.10
N GLU A 278 -5.99 -0.91 15.13
CA GLU A 278 -6.44 -0.57 16.47
C GLU A 278 -5.33 -0.62 17.49
N ALA A 279 -5.41 0.26 18.52
CA ALA A 279 -4.48 0.35 19.65
C ALA A 279 -5.24 0.65 20.93
N SER A 280 -5.17 -0.26 21.92
CA SER A 280 -5.87 -0.14 23.20
C SER A 280 -4.92 0.26 24.37
N ALA A 281 -5.52 0.75 25.48
CA ALA A 281 -4.87 1.18 26.73
C ALA A 281 -5.90 1.16 27.88
N THR A 282 -5.48 0.79 29.10
CA THR A 282 -6.40 0.64 30.23
C THR A 282 -6.43 1.85 31.15
N LEU A 283 -7.60 2.14 31.72
CA LEU A 283 -7.78 3.16 32.76
C LEU A 283 -7.98 2.40 34.08
N THR A 284 -7.18 2.73 35.09
CA THR A 284 -7.22 2.17 36.44
C THR A 284 -7.74 3.28 37.37
N VAL A 285 -8.95 3.12 37.91
CA VAL A 285 -9.52 4.11 38.83
C VAL A 285 -9.03 3.77 40.25
N GLN A 286 -8.27 4.68 40.85
CA GLN A 286 -7.69 4.50 42.17
C GLN A 286 -8.69 4.78 43.29
N GLU A 287 -8.68 3.89 44.30
CA GLU A 287 -9.55 3.86 45.48
C GLU A 287 -8.66 3.92 46.77
N PRO A 288 -9.00 4.70 47.84
CA PRO A 288 -8.17 4.67 49.07
C PRO A 288 -8.29 3.33 49.83
N PRO A 289 -7.35 2.93 50.75
CA PRO A 289 -7.50 1.62 51.39
C PRO A 289 -8.64 1.53 52.40
N HIS A 290 -9.03 0.29 52.74
CA HIS A 290 -10.10 0.00 53.70
CA HIS A 290 -10.11 -0.01 53.69
C HIS A 290 -9.70 -1.21 54.55
N PHE A 291 -9.82 -1.09 55.88
CA PHE A 291 -9.48 -2.19 56.75
C PHE A 291 -10.56 -3.29 56.68
N VAL A 292 -10.10 -4.51 56.38
CA VAL A 292 -10.92 -5.72 56.26
C VAL A 292 -10.99 -6.37 57.67
N VAL A 293 -9.81 -6.56 58.28
CA VAL A 293 -9.61 -7.12 59.61
C VAL A 293 -8.74 -6.09 60.28
N LYS A 294 -9.15 -5.66 61.50
CA LYS A 294 -8.45 -4.70 62.35
C LYS A 294 -7.98 -5.45 63.60
N PRO A 295 -6.76 -5.18 64.11
CA PRO A 295 -6.29 -5.92 65.29
C PRO A 295 -7.10 -5.66 66.57
N ARG A 296 -7.13 -6.66 67.45
CA ARG A 296 -7.79 -6.59 68.73
C ARG A 296 -6.74 -6.65 69.83
N ASP A 297 -6.95 -5.89 70.92
CA ASP A 297 -6.10 -5.82 72.12
C ASP A 297 -5.97 -7.23 72.67
N GLN A 298 -4.78 -7.58 73.18
CA GLN A 298 -4.52 -8.94 73.68
C GLN A 298 -3.76 -8.97 75.00
N VAL A 299 -4.00 -10.06 75.74
CA VAL A 299 -3.40 -10.45 77.01
C VAL A 299 -2.71 -11.79 76.71
N VAL A 300 -1.38 -11.87 76.91
CA VAL A 300 -0.58 -13.05 76.66
C VAL A 300 0.40 -13.32 77.81
N ALA A 301 0.53 -14.60 78.19
CA ALA A 301 1.43 -15.07 79.22
C ALA A 301 2.88 -14.95 78.71
N LEU A 302 3.80 -14.60 79.61
CA LEU A 302 5.24 -14.45 79.36
C LEU A 302 5.80 -15.74 78.74
N GLY A 303 6.54 -15.59 77.64
CA GLY A 303 7.16 -16.68 76.91
C GLY A 303 6.36 -17.23 75.75
N ARG A 304 5.07 -16.87 75.68
CA ARG A 304 4.15 -17.33 74.63
C ARG A 304 4.18 -16.42 73.39
N THR A 305 3.53 -16.86 72.32
CA THR A 305 3.43 -16.20 71.01
C THR A 305 2.07 -15.50 70.83
N VAL A 306 2.11 -14.25 70.33
CA VAL A 306 0.92 -13.45 70.03
C VAL A 306 0.88 -13.13 68.54
N THR A 307 -0.33 -12.95 67.98
CA THR A 307 -0.54 -12.55 66.59
C THR A 307 -1.69 -11.51 66.46
N PHE A 308 -1.33 -10.27 66.13
CA PHE A 308 -2.29 -9.20 65.88
C PHE A 308 -2.58 -9.18 64.40
N GLN A 309 -3.80 -9.55 64.02
CA GLN A 309 -4.28 -9.58 62.63
C GLN A 309 -4.60 -8.17 62.10
N CYS A 310 -4.17 -7.85 60.89
CA CYS A 310 -4.39 -6.54 60.25
C CYS A 310 -4.28 -6.78 58.76
N GLU A 311 -5.42 -6.68 58.04
CA GLU A 311 -5.53 -6.93 56.59
C GLU A 311 -6.28 -5.76 55.95
N ALA A 312 -5.82 -5.35 54.75
CA ALA A 312 -6.44 -4.20 54.12
C ALA A 312 -6.76 -4.39 52.61
N THR A 313 -7.89 -3.83 52.19
CA THR A 313 -8.30 -3.84 50.79
C THR A 313 -7.99 -2.45 50.20
N GLY A 314 -8.01 -2.34 48.87
CA GLY A 314 -7.78 -1.07 48.18
C GLY A 314 -7.24 -1.24 46.78
N ASN A 315 -7.42 -0.20 45.94
CA ASN A 315 -6.94 -0.20 44.55
C ASN A 315 -6.03 1.01 44.29
N PRO A 316 -4.70 0.81 44.14
CA PRO A 316 -3.96 -0.47 44.15
C PRO A 316 -3.88 -1.10 45.53
N GLN A 317 -3.43 -2.38 45.61
CA GLN A 317 -3.27 -3.11 46.87
C GLN A 317 -2.33 -2.32 47.78
N PRO A 318 -2.76 -1.98 49.00
CA PRO A 318 -1.90 -1.17 49.88
C PRO A 318 -0.78 -1.89 50.65
N ALA A 319 0.32 -1.15 50.90
CA ALA A 319 1.45 -1.57 51.72
C ALA A 319 1.01 -1.51 53.18
N ILE A 320 1.27 -2.57 53.95
CA ILE A 320 0.98 -2.63 55.38
C ILE A 320 2.31 -2.61 56.09
N PHE A 321 2.42 -1.83 57.17
CA PHE A 321 3.58 -1.87 58.04
C PHE A 321 3.22 -1.62 59.48
N TRP A 322 4.08 -2.10 60.38
CA TRP A 322 3.84 -1.91 61.79
C TRP A 322 4.94 -1.16 62.46
N ARG A 323 4.64 -0.68 63.67
CA ARG A 323 5.55 0.04 64.59
C ARG A 323 4.93 0.18 65.95
N ARG A 324 5.78 0.08 66.98
CA ARG A 324 5.46 0.25 68.40
C ARG A 324 5.31 1.74 68.65
N GLU A 325 4.23 2.17 69.36
CA GLU A 325 4.01 3.59 69.68
C GLU A 325 5.22 4.22 70.34
N GLY A 326 5.59 5.41 69.87
CA GLY A 326 6.73 6.17 70.32
C GLY A 326 8.05 5.70 69.77
N SER A 327 8.03 4.94 68.66
CA SER A 327 9.20 4.38 67.99
C SER A 327 9.15 4.62 66.50
N GLN A 328 10.34 4.63 65.89
CA GLN A 328 10.60 4.90 64.49
C GLN A 328 10.87 3.63 63.67
N ASN A 329 11.22 2.51 64.35
CA ASN A 329 11.54 1.24 63.70
C ASN A 329 10.30 0.66 63.02
N LEU A 330 10.31 0.68 61.70
CA LEU A 330 9.20 0.18 60.87
C LEU A 330 9.38 -1.33 60.54
N LEU A 331 8.31 -2.14 60.75
CA LEU A 331 8.31 -3.58 60.53
C LEU A 331 7.48 -3.95 59.28
N PHE A 332 8.14 -4.54 58.29
CA PHE A 332 7.57 -4.96 57.02
C PHE A 332 7.70 -6.48 56.84
N SER A 333 6.88 -7.07 55.94
CA SER A 333 6.90 -8.50 55.63
C SER A 333 8.14 -8.90 54.82
N TYR A 334 8.40 -8.21 53.69
CA TYR A 334 9.54 -8.45 52.80
C TYR A 334 10.90 -8.06 53.42
N GLN A 335 10.89 -7.32 54.55
CA GLN A 335 12.11 -6.80 55.20
C GLN A 335 12.52 -7.54 56.46
N PRO A 336 13.84 -7.85 56.61
CA PRO A 336 14.32 -8.49 57.86
C PRO A 336 14.21 -7.54 59.07
N PRO A 337 13.54 -7.96 60.17
CA PRO A 337 13.39 -7.06 61.34
C PRO A 337 14.72 -6.81 62.08
N GLN A 338 15.15 -5.52 62.10
CA GLN A 338 16.42 -5.05 62.66
C GLN A 338 16.68 -5.35 64.17
N SER A 339 15.83 -4.82 65.07
CA SER A 339 15.97 -4.96 66.52
C SER A 339 15.85 -6.39 67.04
N SER A 340 14.74 -7.08 66.71
CA SER A 340 14.48 -8.46 67.16
C SER A 340 13.85 -9.35 66.08
N SER A 341 14.17 -10.63 66.11
CA SER A 341 13.65 -11.59 65.15
C SER A 341 12.42 -12.31 65.69
N ARG A 342 12.01 -11.92 66.91
CA ARG A 342 10.79 -12.40 67.58
C ARG A 342 9.53 -11.72 66.96
N PHE A 343 9.73 -10.61 66.24
CA PHE A 343 8.68 -9.82 65.59
C PHE A 343 8.77 -10.08 64.11
N SER A 344 7.62 -10.31 63.45
CA SER A 344 7.53 -10.60 62.01
C SER A 344 6.18 -10.33 61.46
N VAL A 345 6.13 -9.76 60.24
CA VAL A 345 4.89 -9.41 59.52
C VAL A 345 4.68 -10.44 58.42
N SER A 346 3.49 -11.07 58.35
CA SER A 346 3.19 -12.06 57.31
C SER A 346 2.94 -11.38 55.94
N GLN A 347 2.89 -12.18 54.87
CA GLN A 347 2.62 -11.72 53.49
C GLN A 347 1.30 -10.92 53.38
N THR A 348 0.27 -11.25 54.24
CA THR A 348 -1.07 -10.64 54.36
C THR A 348 -1.21 -9.47 55.36
N GLY A 349 -0.16 -9.19 56.15
CA GLY A 349 -0.16 -8.08 57.08
C GLY A 349 -0.12 -8.30 58.57
N ASP A 350 -0.34 -9.56 59.07
CA ASP A 350 -0.37 -9.85 60.52
C ASP A 350 0.99 -9.67 61.21
N LEU A 351 0.99 -9.42 62.55
CA LEU A 351 2.20 -9.23 63.35
C LEU A 351 2.25 -10.28 64.42
N THR A 352 3.19 -11.22 64.25
CA THR A 352 3.45 -12.30 65.20
C THR A 352 4.68 -11.93 66.03
N ILE A 353 4.51 -11.91 67.37
CA ILE A 353 5.58 -11.70 68.37
C ILE A 353 5.70 -13.04 69.11
N THR A 354 6.89 -13.68 69.04
CA THR A 354 7.10 -14.96 69.71
C THR A 354 7.87 -14.70 70.99
N ASN A 355 7.78 -15.63 71.96
CA ASN A 355 8.53 -15.58 73.20
C ASN A 355 8.41 -14.20 73.85
N VAL A 356 7.16 -13.74 74.05
CA VAL A 356 6.87 -12.42 74.60
C VAL A 356 7.51 -12.20 75.97
N GLN A 357 8.24 -11.09 76.11
CA GLN A 357 8.87 -10.68 77.35
C GLN A 357 8.13 -9.44 77.87
N ARG A 358 8.46 -8.98 79.11
CA ARG A 358 7.80 -7.84 79.75
C ARG A 358 8.01 -6.51 79.03
N SER A 359 9.19 -6.27 78.42
CA SER A 359 9.43 -5.04 77.64
C SER A 359 8.51 -4.92 76.38
N ASP A 360 7.92 -6.05 75.90
CA ASP A 360 7.01 -6.05 74.75
C ASP A 360 5.66 -5.33 75.00
N VAL A 361 5.36 -4.94 76.25
CA VAL A 361 4.12 -4.25 76.61
C VAL A 361 3.98 -2.93 75.84
N GLY A 362 2.80 -2.73 75.27
CA GLY A 362 2.47 -1.50 74.58
C GLY A 362 1.55 -1.61 73.40
N TYR A 363 1.44 -0.49 72.71
CA TYR A 363 0.60 -0.37 71.55
C TYR A 363 1.41 -0.72 70.33
N TYR A 364 0.81 -1.50 69.46
CA TYR A 364 1.41 -1.90 68.19
C TYR A 364 0.50 -1.29 67.16
N ILE A 365 1.04 -0.31 66.37
CA ILE A 365 0.31 0.45 65.33
C ILE A 365 0.36 -0.22 63.94
N CYS A 366 -0.81 -0.48 63.30
CA CYS A 366 -0.81 -0.99 61.94
C CYS A 366 -1.16 0.16 61.03
N GLN A 367 -0.34 0.37 59.99
CA GLN A 367 -0.59 1.44 59.03
C GLN A 367 -0.67 0.88 57.60
N THR A 368 -1.73 1.27 56.85
CA THR A 368 -1.90 0.84 55.44
C THR A 368 -2.05 2.04 54.54
N LEU A 369 -1.42 2.02 53.39
CA LEU A 369 -1.45 3.16 52.50
C LEU A 369 -1.21 2.82 51.07
N ASN A 370 -1.64 3.71 50.17
CA ASN A 370 -1.38 3.66 48.75
C ASN A 370 -1.31 5.12 48.26
N VAL A 371 -1.48 5.37 46.96
CA VAL A 371 -1.44 6.74 46.42
C VAL A 371 -2.74 7.49 46.71
N ALA A 372 -3.85 6.75 46.87
CA ALA A 372 -5.18 7.35 47.07
C ALA A 372 -5.57 7.62 48.54
N GLY A 373 -4.81 7.10 49.51
CA GLY A 373 -5.08 7.30 50.92
C GLY A 373 -4.22 6.52 51.88
N SER A 374 -4.39 6.82 53.17
CA SER A 374 -3.67 6.20 54.28
C SER A 374 -4.64 6.00 55.44
N ILE A 375 -4.57 4.83 56.08
CA ILE A 375 -5.37 4.49 57.27
C ILE A 375 -4.47 3.82 58.29
N ILE A 376 -4.71 4.12 59.56
CA ILE A 376 -3.94 3.73 60.72
C ILE A 376 -4.86 3.21 61.87
N THR A 377 -4.45 2.11 62.53
CA THR A 377 -5.19 1.48 63.64
C THR A 377 -4.18 0.93 64.64
N LYS A 378 -4.60 0.56 65.86
CA LYS A 378 -3.68 -0.03 66.86
C LYS A 378 -4.38 -0.97 67.82
N ALA A 379 -3.59 -1.83 68.50
CA ALA A 379 -4.04 -2.79 69.51
C ALA A 379 -2.95 -2.90 70.55
N TYR A 380 -3.35 -3.10 71.82
CA TYR A 380 -2.51 -3.19 73.02
C TYR A 380 -2.08 -4.60 73.32
N LEU A 381 -0.82 -4.73 73.79
CA LEU A 381 -0.28 -5.99 74.23
C LEU A 381 -0.01 -5.94 75.72
N GLU A 382 -0.71 -6.78 76.49
CA GLU A 382 -0.43 -6.90 77.93
C GLU A 382 0.29 -8.23 78.16
N VAL A 383 1.48 -8.19 78.77
CA VAL A 383 2.26 -9.39 79.06
C VAL A 383 2.07 -9.74 80.53
N THR A 384 1.51 -10.92 80.83
CA THR A 384 1.25 -11.39 82.20
C THR A 384 2.21 -12.52 82.63
N ASP A 385 2.44 -12.68 83.96
CA ASP A 385 3.31 -13.71 84.57
C ASP A 385 3.15 -15.13 84.01
P PO4 B . 15.58 -11.14 71.52
O1 PO4 B . 14.53 -9.97 71.20
O2 PO4 B . 14.84 -12.23 72.42
O3 PO4 B . 16.78 -10.55 72.31
O4 PO4 B . 16.16 -11.80 70.18
#